data_2O35
#
_entry.id   2O35
#
_cell.length_a   80.994
_cell.length_b   80.994
_cell.length_c   64.708
_cell.angle_alpha   90.00
_cell.angle_beta   90.00
_cell.angle_gamma   120.00
#
_symmetry.space_group_name_H-M   'P 31 2 1'
#
loop_
_entity.id
_entity.type
_entity.pdbx_description
1 polymer 'Hypothetical protein DUF1244'
2 non-polymer 'MAGNESIUM ION'
3 water water
#
_entity_poly.entity_id   1
_entity_poly.type   'polypeptide(L)'
_entity_poly.pdbx_seq_one_letter_code
;GH(MSE)SEISPEQRTAFEAAVFRRLLEHLRERSDVQNIDL(MSE)NLAGFCRNCLSNWYREAAEASGVP(MSE)SKEES
REIVYG(MSE)PYEEWRTQNQGEASPEQKAAFERNRPKEGS
;
_entity_poly.pdbx_strand_id   A,B
#
loop_
_chem_comp.id
_chem_comp.type
_chem_comp.name
_chem_comp.formula
MG non-polymer 'MAGNESIUM ION' 'Mg 2'
#
# COMPACT_ATOMS: atom_id res chain seq x y z
N SER A 4 -9.49 1.38 18.60
CA SER A 4 -10.18 2.02 19.75
C SER A 4 -11.33 1.12 20.26
N GLU A 5 -12.53 1.37 19.73
CA GLU A 5 -13.65 0.46 19.80
C GLU A 5 -13.45 -0.52 18.63
N ILE A 6 -12.43 -0.26 17.81
CA ILE A 6 -12.08 -1.11 16.67
C ILE A 6 -11.05 -2.13 17.11
N SER A 7 -11.44 -3.40 17.08
CA SER A 7 -10.57 -4.48 17.52
C SER A 7 -9.45 -4.79 16.52
N PRO A 8 -8.39 -5.53 16.96
CA PRO A 8 -7.32 -6.01 16.10
C PRO A 8 -7.89 -6.75 14.88
N GLU A 9 -8.97 -7.49 15.08
CA GLU A 9 -9.44 -8.27 13.99
C GLU A 9 -10.28 -7.48 12.97
N GLN A 10 -10.95 -6.44 13.43
CA GLN A 10 -11.53 -5.46 12.54
C GLN A 10 -10.49 -4.76 11.69
N ARG A 11 -9.42 -4.26 12.30
CA ARG A 11 -8.29 -3.68 11.56
C ARG A 11 -7.76 -4.57 10.45
N THR A 12 -7.54 -5.84 10.76
CA THR A 12 -7.03 -6.80 9.83
C THR A 12 -7.94 -6.87 8.63
N ALA A 13 -9.25 -7.02 8.91
CA ALA A 13 -10.30 -6.99 7.88
C ALA A 13 -10.20 -5.77 6.98
N PHE A 14 -10.09 -4.60 7.59
CA PHE A 14 -10.16 -3.36 6.84
C PHE A 14 -8.86 -3.16 6.03
N GLU A 15 -7.74 -3.50 6.63
CA GLU A 15 -6.42 -3.38 6.02
C GLU A 15 -6.32 -4.34 4.86
N ALA A 16 -6.82 -5.57 5.02
CA ALA A 16 -6.78 -6.55 3.96
C ALA A 16 -7.67 -6.12 2.82
N ALA A 17 -8.90 -5.63 3.13
CA ALA A 17 -9.80 -5.16 2.07
C ALA A 17 -9.26 -3.99 1.26
N VAL A 18 -8.58 -3.07 1.95
CA VAL A 18 -7.98 -1.92 1.31
C VAL A 18 -6.81 -2.38 0.40
N PHE A 19 -6.00 -3.33 0.87
CA PHE A 19 -4.97 -3.92 0.03
C PHE A 19 -5.54 -4.58 -1.21
N ARG A 20 -6.60 -5.37 -1.06
CA ARG A 20 -7.21 -6.02 -2.22
C ARG A 20 -7.80 -5.04 -3.24
N ARG A 21 -8.27 -3.90 -2.73
CA ARG A 21 -8.81 -2.82 -3.54
C ARG A 21 -7.64 -2.13 -4.28
N LEU A 22 -6.49 -2.00 -3.64
CA LEU A 22 -5.33 -1.41 -4.30
C LEU A 22 -4.90 -2.28 -5.45
N LEU A 23 -4.83 -3.59 -5.18
CA LEU A 23 -4.44 -4.59 -6.11
C LEU A 23 -5.30 -4.53 -7.33
N GLU A 24 -6.61 -4.46 -7.10
N GLU A 24 -6.60 -4.47 -7.14
CA GLU A 24 -7.62 -4.41 -8.17
CA GLU A 24 -7.52 -4.47 -8.27
C GLU A 24 -7.43 -3.15 -9.01
C GLU A 24 -7.42 -3.13 -9.04
N HIS A 25 -7.14 -2.04 -8.32
CA HIS A 25 -6.96 -0.73 -8.95
C HIS A 25 -5.69 -0.68 -9.81
N LEU A 26 -4.66 -1.43 -9.42
CA LEU A 26 -3.41 -1.52 -10.19
C LEU A 26 -3.56 -2.46 -11.39
N ARG A 27 -4.43 -3.45 -11.26
CA ARG A 27 -4.83 -4.31 -12.38
C ARG A 27 -5.55 -3.52 -13.47
N GLU A 28 -6.45 -2.61 -13.07
N GLU A 28 -6.48 -2.66 -13.03
CA GLU A 28 -7.15 -1.75 -14.04
CA GLU A 28 -7.18 -1.67 -13.86
C GLU A 28 -6.30 -0.59 -14.57
C GLU A 28 -6.17 -0.79 -14.57
N ARG A 29 -5.36 -0.11 -13.77
CA ARG A 29 -4.41 0.90 -14.27
C ARG A 29 -3.16 0.23 -14.84
N SER A 30 -3.36 -0.77 -15.69
CA SER A 30 -2.25 -1.46 -16.37
C SER A 30 -1.38 -0.58 -17.29
N ASP A 31 -1.80 0.67 -17.50
CA ASP A 31 -1.03 1.69 -18.25
C ASP A 31 0.10 2.32 -17.43
N VAL A 32 0.05 2.09 -16.12
CA VAL A 32 1.04 2.60 -15.17
C VAL A 32 2.16 1.57 -15.04
N GLN A 33 3.37 1.99 -15.41
CA GLN A 33 4.53 1.13 -15.49
C GLN A 33 5.14 0.96 -14.12
N ASN A 34 5.61 -0.25 -13.86
CA ASN A 34 6.29 -0.55 -12.60
C ASN A 34 7.47 0.42 -12.44
N ILE A 35 8.25 0.60 -13.51
CA ILE A 35 9.39 1.54 -13.51
C ILE A 35 9.03 2.96 -13.01
N ASP A 36 7.91 3.52 -13.45
CA ASP A 36 7.53 4.87 -13.05
C ASP A 36 6.99 4.94 -11.64
N LEU A 37 6.31 3.88 -11.22
CA LEU A 37 5.87 3.72 -9.85
C LEU A 37 7.10 3.67 -8.94
N MSE A 38 8.14 2.98 -9.42
N MSE A 38 8.14 2.96 -9.38
CA MSE A 38 9.35 2.76 -8.65
CA MSE A 38 9.41 2.77 -8.63
C MSE A 38 10.13 4.08 -8.55
C MSE A 38 10.14 4.12 -8.51
O MSE A 38 10.45 4.51 -7.45
O MSE A 38 10.44 4.60 -7.40
CB MSE A 38 10.16 1.62 -9.27
CB MSE A 38 10.29 1.71 -9.37
CG MSE A 38 11.28 1.09 -8.41
CG MSE A 38 11.51 1.12 -8.64
SE MSE A 38 10.75 0.31 -6.71
SE MSE A 38 12.87 0.35 -9.92
CE MSE A 38 12.21 1.22 -5.79
CE MSE A 38 13.62 2.02 -10.55
N ASN A 39 10.37 4.74 -9.67
CA ASN A 39 11.06 6.05 -9.72
C ASN A 39 10.37 7.22 -9.00
N LEU A 40 9.05 7.15 -8.90
CA LEU A 40 8.32 8.12 -8.13
C LEU A 40 8.28 7.70 -6.66
N ALA A 41 7.66 6.56 -6.37
CA ALA A 41 7.28 6.19 -5.00
C ALA A 41 8.26 5.24 -4.26
N GLY A 42 9.24 4.69 -4.97
CA GLY A 42 10.16 3.77 -4.33
C GLY A 42 9.56 2.37 -4.09
N PHE A 43 8.42 2.10 -4.72
CA PHE A 43 7.84 0.74 -4.73
C PHE A 43 7.05 0.52 -6.03
N CYS A 44 6.76 -0.74 -6.36
CA CYS A 44 5.97 -1.05 -7.56
C CYS A 44 5.21 -2.35 -7.34
N ARG A 45 4.55 -2.89 -8.39
CA ARG A 45 3.88 -4.22 -8.26
C ARG A 45 4.86 -5.33 -7.85
N ASN A 46 6.10 -5.27 -8.35
CA ASN A 46 7.11 -6.22 -7.88
C ASN A 46 7.49 -6.08 -6.41
N CYS A 47 7.53 -4.86 -5.86
CA CYS A 47 7.72 -4.66 -4.43
C CYS A 47 6.52 -5.19 -3.64
N LEU A 48 5.30 -4.89 -4.09
CA LEU A 48 4.13 -5.48 -3.46
C LEU A 48 4.19 -7.00 -3.38
N SER A 49 4.55 -7.65 -4.48
CA SER A 49 4.65 -9.14 -4.51
C SER A 49 5.75 -9.58 -3.55
N ASN A 50 6.85 -8.84 -3.52
CA ASN A 50 7.93 -9.14 -2.61
C ASN A 50 7.51 -8.98 -1.15
N TRP A 51 6.80 -7.90 -0.81
CA TRP A 51 6.37 -7.69 0.55
C TRP A 51 5.37 -8.78 0.98
N TYR A 52 4.57 -9.27 0.03
CA TYR A 52 3.57 -10.26 0.34
C TYR A 52 4.27 -11.61 0.63
N ARG A 53 5.23 -11.93 -0.21
CA ARG A 53 6.03 -13.11 0.03
C ARG A 53 6.73 -13.07 1.41
N GLU A 54 7.30 -11.93 1.76
CA GLU A 54 8.03 -11.71 3.01
C GLU A 54 7.04 -11.80 4.18
N ALA A 55 5.80 -11.40 3.97
CA ALA A 55 4.75 -11.50 5.00
C ALA A 55 4.41 -12.92 5.26
N ALA A 56 4.24 -13.68 4.19
CA ALA A 56 3.99 -15.11 4.35
C ALA A 56 5.17 -15.82 5.08
N GLU A 57 6.42 -15.51 4.70
CA GLU A 57 7.62 -16.07 5.33
C GLU A 57 7.70 -15.73 6.81
N ALA A 58 7.38 -14.46 7.14
CA ALA A 58 7.39 -13.96 8.48
C ALA A 58 6.38 -14.73 9.35
N SER A 59 5.32 -15.24 8.71
CA SER A 59 4.29 -16.00 9.37
C SER A 59 4.49 -17.49 9.31
N GLY A 60 5.64 -17.95 8.87
CA GLY A 60 5.87 -19.36 8.90
C GLY A 60 5.47 -20.12 7.63
N VAL A 61 5.12 -19.39 6.57
CA VAL A 61 4.70 -20.06 5.33
C VAL A 61 5.67 -19.77 4.20
N PRO A 62 6.45 -20.77 3.74
CA PRO A 62 7.35 -20.47 2.63
C PRO A 62 6.53 -20.22 1.36
N MSE A 63 7.03 -19.40 0.46
CA MSE A 63 6.29 -19.03 -0.73
C MSE A 63 7.30 -18.57 -1.78
O MSE A 63 8.23 -17.85 -1.45
CB MSE A 63 5.35 -17.86 -0.41
CG MSE A 63 4.56 -17.38 -1.60
SE MSE A 63 3.27 -16.00 -1.18
CE MSE A 63 2.05 -17.16 -0.12
N SER A 64 7.08 -18.95 -3.04
CA SER A 64 8.03 -18.60 -4.09
C SER A 64 7.81 -17.19 -4.61
N LYS A 65 8.76 -16.69 -5.38
N LYS A 65 8.77 -16.68 -5.37
CA LYS A 65 8.63 -15.41 -6.05
CA LYS A 65 8.63 -15.41 -6.07
C LYS A 65 7.44 -15.38 -7.02
C LYS A 65 7.40 -15.40 -6.97
N GLU A 66 7.27 -16.44 -7.78
CA GLU A 66 6.16 -16.54 -8.74
C GLU A 66 4.78 -16.69 -8.10
N GLU A 67 4.67 -17.44 -7.00
CA GLU A 67 3.41 -17.51 -6.23
C GLU A 67 3.02 -16.11 -5.77
N SER A 68 3.95 -15.37 -5.17
CA SER A 68 3.60 -14.03 -4.69
C SER A 68 3.15 -13.13 -5.85
N ARG A 69 3.75 -13.31 -7.01
CA ARG A 69 3.45 -12.47 -8.18
C ARG A 69 2.08 -12.81 -8.77
N GLU A 70 1.79 -14.09 -8.90
CA GLU A 70 0.44 -14.57 -9.22
C GLU A 70 -0.66 -13.92 -8.39
N ILE A 71 -0.46 -13.86 -7.08
CA ILE A 71 -1.35 -13.18 -6.16
C ILE A 71 -1.54 -11.69 -6.44
N VAL A 72 -0.44 -10.95 -6.57
CA VAL A 72 -0.52 -9.50 -6.82
C VAL A 72 -1.05 -9.17 -8.24
N TYR A 73 -0.60 -9.92 -9.24
CA TYR A 73 -0.92 -9.60 -10.61
C TYR A 73 -2.28 -10.15 -11.05
N GLY A 74 -2.73 -11.19 -10.37
CA GLY A 74 -3.97 -11.88 -10.72
C GLY A 74 -3.77 -12.74 -11.95
N MSE A 75 -2.51 -13.06 -12.25
CA MSE A 75 -2.15 -13.92 -13.36
C MSE A 75 -0.66 -14.22 -13.26
O MSE A 75 0.04 -13.52 -12.54
CB MSE A 75 -2.46 -13.23 -14.71
CG MSE A 75 -1.62 -11.99 -15.01
SE MSE A 75 -2.33 -10.94 -16.49
CE MSE A 75 -3.41 -9.64 -15.51
N PRO A 76 -0.17 -15.24 -14.00
CA PRO A 76 1.27 -15.39 -14.08
C PRO A 76 1.94 -14.08 -14.52
N TYR A 77 3.01 -13.67 -13.84
CA TYR A 77 3.80 -12.48 -14.24
C TYR A 77 4.12 -12.38 -15.74
N GLU A 78 4.56 -13.47 -16.35
N GLU A 78 4.54 -13.50 -16.32
CA GLU A 78 4.95 -13.46 -17.78
CA GLU A 78 4.94 -13.61 -17.73
C GLU A 78 3.77 -13.22 -18.72
C GLU A 78 3.79 -13.29 -18.70
N GLU A 79 2.59 -13.72 -18.35
CA GLU A 79 1.36 -13.37 -19.05
C GLU A 79 1.00 -11.89 -18.89
N TRP A 80 1.28 -11.29 -17.74
CA TRP A 80 1.10 -9.84 -17.58
C TRP A 80 2.14 -9.02 -18.38
N ARG A 81 3.36 -9.54 -18.45
CA ARG A 81 4.44 -8.89 -19.15
C ARG A 81 4.09 -8.68 -20.65
N THR A 82 2.97 -9.29 -21.07
CA THR A 82 2.43 -9.18 -22.43
C THR A 82 1.23 -8.20 -22.51
N SER B 4 3.06 -23.31 1.13
CA SER B 4 2.31 -23.86 -0.06
C SER B 4 0.77 -23.71 -0.04
N GLU B 5 0.04 -24.61 0.63
CA GLU B 5 -1.46 -24.56 0.74
C GLU B 5 -1.98 -23.67 1.89
N ILE B 6 -2.58 -22.56 1.54
N ILE B 6 -2.66 -22.60 1.52
CA ILE B 6 -2.86 -21.59 2.56
CA ILE B 6 -2.89 -21.47 2.42
C ILE B 6 -4.37 -21.36 2.75
C ILE B 6 -4.39 -21.28 2.71
N SER B 7 -4.75 -21.06 3.98
CA SER B 7 -6.13 -20.87 4.34
C SER B 7 -6.57 -19.47 3.96
N PRO B 8 -7.90 -19.28 3.82
CA PRO B 8 -8.44 -17.93 3.64
C PRO B 8 -8.05 -17.00 4.80
N GLU B 9 -7.94 -17.51 6.03
CA GLU B 9 -7.52 -16.62 7.14
C GLU B 9 -6.01 -16.22 6.96
N GLN B 10 -5.15 -17.12 6.49
CA GLN B 10 -3.75 -16.77 6.17
C GLN B 10 -3.68 -15.71 5.03
N ARG B 11 -4.39 -15.92 3.93
N ARG B 11 -4.39 -15.94 3.93
CA ARG B 11 -4.47 -14.95 2.82
CA ARG B 11 -4.50 -14.95 2.84
C ARG B 11 -4.84 -13.54 3.34
C ARG B 11 -4.80 -13.56 3.39
N THR B 12 -5.85 -13.45 4.18
CA THR B 12 -6.26 -12.20 4.75
C THR B 12 -5.19 -11.58 5.67
N ALA B 13 -4.56 -12.39 6.51
CA ALA B 13 -3.47 -11.96 7.38
C ALA B 13 -2.31 -11.42 6.51
N PHE B 14 -2.04 -12.06 5.37
CA PHE B 14 -0.91 -11.63 4.54
C PHE B 14 -1.21 -10.37 3.77
N GLU B 15 -2.47 -10.21 3.35
CA GLU B 15 -2.96 -8.97 2.75
C GLU B 15 -2.88 -7.83 3.75
N ALA B 16 -3.37 -8.04 4.98
CA ALA B 16 -3.33 -6.95 5.96
C ALA B 16 -1.89 -6.56 6.25
N ALA B 17 -0.99 -7.55 6.31
CA ALA B 17 0.37 -7.26 6.72
C ALA B 17 1.12 -6.53 5.61
N VAL B 18 0.84 -6.91 4.36
CA VAL B 18 1.49 -6.28 3.22
C VAL B 18 0.96 -4.86 3.12
N PHE B 19 -0.31 -4.68 3.46
CA PHE B 19 -0.87 -3.34 3.54
C PHE B 19 -0.14 -2.54 4.63
N ARG B 20 0.09 -3.09 5.81
CA ARG B 20 0.89 -2.36 6.79
C ARG B 20 2.35 -2.07 6.36
N ARG B 21 2.92 -2.91 5.48
CA ARG B 21 4.27 -2.63 4.93
C ARG B 21 4.23 -1.44 3.97
N LEU B 22 3.23 -1.42 3.10
CA LEU B 22 2.99 -0.27 2.25
C LEU B 22 2.88 1.02 3.08
N LEU B 23 2.15 0.95 4.19
CA LEU B 23 1.88 2.16 4.98
C LEU B 23 3.16 2.67 5.60
N GLU B 24 3.97 1.75 6.15
N GLU B 24 4.01 1.76 6.08
CA GLU B 24 5.32 2.03 6.61
CA GLU B 24 5.32 2.10 6.64
C GLU B 24 6.01 2.84 5.53
C GLU B 24 6.26 2.67 5.59
N HIS B 25 6.06 2.25 4.35
CA HIS B 25 6.83 2.75 3.26
C HIS B 25 6.41 4.13 2.83
N LEU B 26 5.11 4.38 2.73
CA LEU B 26 4.65 5.69 2.32
C LEU B 26 4.93 6.74 3.40
N ARG B 27 4.97 6.30 4.67
CA ARG B 27 5.34 7.16 5.79
C ARG B 27 6.84 7.54 5.80
N GLU B 28 7.71 6.65 5.36
N GLU B 28 7.68 6.60 5.39
CA GLU B 28 9.14 6.98 5.24
CA GLU B 28 9.10 6.86 5.17
C GLU B 28 9.48 7.77 3.95
C GLU B 28 9.26 7.87 4.05
N ARG B 29 8.73 7.51 2.88
CA ARG B 29 8.80 8.35 1.69
C ARG B 29 7.80 9.51 1.76
N SER B 30 7.87 10.25 2.89
CA SER B 30 7.10 11.47 3.16
C SER B 30 7.29 12.55 2.11
N ASP B 31 8.46 12.51 1.43
CA ASP B 31 8.74 13.32 0.23
C ASP B 31 7.84 12.99 -0.99
N VAL B 32 7.39 11.74 -1.11
CA VAL B 32 6.48 11.32 -2.22
C VAL B 32 5.06 11.93 -2.12
N GLN B 33 4.85 13.00 -2.88
CA GLN B 33 3.60 13.75 -2.97
C GLN B 33 2.39 12.98 -3.46
N ASN B 34 1.25 13.20 -2.82
CA ASN B 34 -0.02 12.56 -3.21
C ASN B 34 -0.45 12.91 -4.62
N ILE B 35 -0.30 14.20 -4.97
CA ILE B 35 -0.65 14.67 -6.31
C ILE B 35 0.17 13.96 -7.35
N ASP B 36 1.48 13.90 -7.15
CA ASP B 36 2.33 13.13 -8.04
C ASP B 36 1.90 11.66 -8.14
N LEU B 37 1.63 11.01 -7.00
CA LEU B 37 0.97 9.70 -6.95
C LEU B 37 -0.36 9.67 -7.73
N MSE B 38 -1.20 10.69 -7.51
CA MSE B 38 -2.49 10.80 -8.21
C MSE B 38 -2.31 10.88 -9.73
O MSE B 38 -2.89 10.07 -10.46
CB MSE B 38 -3.31 12.00 -7.71
CG MSE B 38 -4.39 11.65 -6.68
SE MSE B 38 -5.69 10.37 -7.37
CE MSE B 38 -7.18 11.57 -7.78
N ASN B 39 -1.53 11.90 -10.15
CA ASN B 39 -1.15 12.15 -11.54
C ASN B 39 -0.56 10.92 -12.22
N LEU B 40 0.44 10.30 -11.58
CA LEU B 40 1.00 9.04 -12.05
C LEU B 40 0.04 7.84 -12.05
N ALA B 41 -0.59 7.55 -10.92
CA ALA B 41 -1.11 6.19 -10.65
C ALA B 41 -2.60 6.08 -10.33
N GLY B 42 -3.28 7.22 -10.31
CA GLY B 42 -4.74 7.28 -10.08
C GLY B 42 -5.15 6.91 -8.66
N PHE B 43 -4.19 6.88 -7.75
CA PHE B 43 -4.47 6.75 -6.34
C PHE B 43 -3.43 7.57 -5.57
N CYS B 44 -3.66 7.72 -4.28
CA CYS B 44 -2.70 8.34 -3.39
C CYS B 44 -3.10 7.87 -1.99
N ARG B 45 -2.48 8.50 -0.98
N ARG B 45 -2.52 8.51 -0.97
CA ARG B 45 -2.71 8.13 0.42
CA ARG B 45 -2.81 8.14 0.42
C ARG B 45 -4.14 8.51 0.85
C ARG B 45 -4.25 8.49 0.81
N ASN B 46 -4.75 9.45 0.12
N ASN B 46 -4.85 9.47 0.10
CA ASN B 46 -6.13 9.81 0.33
CA ASN B 46 -6.24 9.83 0.35
C ASN B 46 -7.12 8.77 -0.21
C ASN B 46 -7.24 8.85 -0.30
N CYS B 47 -6.81 8.16 -1.36
CA CYS B 47 -7.64 7.08 -1.91
C CYS B 47 -7.58 5.88 -0.95
N LEU B 48 -6.40 5.64 -0.39
CA LEU B 48 -6.20 4.55 0.57
C LEU B 48 -7.07 4.76 1.81
N SER B 49 -7.06 5.98 2.35
CA SER B 49 -7.89 6.37 3.48
C SER B 49 -9.36 6.20 3.16
N ASN B 50 -9.75 6.57 1.95
N ASN B 50 -9.74 6.57 1.94
CA ASN B 50 -11.14 6.48 1.56
CA ASN B 50 -11.12 6.50 1.51
C ASN B 50 -11.59 5.05 1.42
C ASN B 50 -11.60 5.07 1.37
N TRP B 51 -10.77 4.23 0.76
CA TRP B 51 -11.09 2.84 0.60
C TRP B 51 -11.19 2.13 1.97
N TYR B 52 -10.32 2.52 2.89
CA TYR B 52 -10.32 1.96 4.21
C TYR B 52 -11.61 2.36 4.94
N ARG B 53 -11.96 3.64 4.83
CA ARG B 53 -13.26 4.14 5.26
C ARG B 53 -14.42 3.37 4.67
N GLU B 54 -14.40 3.13 3.36
CA GLU B 54 -15.47 2.36 2.76
C GLU B 54 -15.57 0.96 3.32
N ALA B 55 -14.43 0.36 3.63
CA ALA B 55 -14.41 -0.99 4.13
C ALA B 55 -14.98 -1.05 5.52
N ALA B 56 -14.55 -0.12 6.37
CA ALA B 56 -15.11 -0.01 7.72
C ALA B 56 -16.62 0.30 7.68
N GLU B 57 -17.04 1.30 6.90
CA GLU B 57 -18.48 1.59 6.82
C GLU B 57 -19.31 0.37 6.39
N ALA B 58 -18.84 -0.38 5.40
CA ALA B 58 -19.45 -1.64 4.97
C ALA B 58 -19.48 -2.70 6.04
N SER B 59 -18.50 -2.65 6.97
CA SER B 59 -18.51 -3.56 8.10
C SER B 59 -19.35 -3.06 9.28
N GLY B 60 -19.97 -1.92 9.10
CA GLY B 60 -20.85 -1.38 10.15
C GLY B 60 -20.08 -0.58 11.19
N VAL B 61 -18.93 -0.05 10.76
CA VAL B 61 -18.16 0.85 11.62
C VAL B 61 -18.12 2.27 11.08
N PRO B 62 -18.94 3.18 11.63
CA PRO B 62 -18.88 4.57 11.16
C PRO B 62 -17.49 5.14 11.41
N MSE B 63 -17.02 5.97 10.49
CA MSE B 63 -15.67 6.51 10.51
C MSE B 63 -15.69 7.73 9.61
O MSE B 63 -16.19 7.66 8.47
CB MSE B 63 -14.65 5.47 9.97
CG MSE B 63 -13.20 5.84 10.19
SE MSE B 63 -12.02 4.44 9.61
CE MSE B 63 -12.08 4.68 7.73
N SER B 64 -15.16 8.84 10.13
CA SER B 64 -15.03 10.09 9.39
C SER B 64 -13.86 10.05 8.37
N LYS B 65 -13.87 11.02 7.47
CA LYS B 65 -12.73 11.27 6.58
C LYS B 65 -11.45 11.37 7.41
N GLU B 66 -11.45 12.17 8.47
N GLU B 66 -11.49 12.20 8.46
CA GLU B 66 -10.21 12.40 9.20
CA GLU B 66 -10.33 12.48 9.30
C GLU B 66 -9.74 11.25 10.08
C GLU B 66 -9.78 11.25 10.00
N GLU B 67 -10.68 10.43 10.55
CA GLU B 67 -10.29 9.21 11.31
C GLU B 67 -9.56 8.23 10.43
N SER B 68 -10.06 8.05 9.22
CA SER B 68 -9.46 7.09 8.30
C SER B 68 -8.09 7.58 7.88
N ARG B 69 -7.93 8.91 7.78
CA ARG B 69 -6.64 9.50 7.43
C ARG B 69 -5.57 9.36 8.51
N GLU B 70 -5.96 9.54 9.76
CA GLU B 70 -5.10 9.26 10.90
C GLU B 70 -4.59 7.80 10.88
N ILE B 71 -5.45 6.87 10.46
CA ILE B 71 -5.05 5.47 10.28
C ILE B 71 -3.99 5.26 9.20
N VAL B 72 -4.21 5.83 8.02
CA VAL B 72 -3.26 5.69 6.93
C VAL B 72 -1.95 6.45 7.17
N TYR B 73 -2.07 7.69 7.67
CA TYR B 73 -0.91 8.58 7.86
C TYR B 73 -0.10 8.25 9.12
N GLY B 74 -0.76 7.72 10.13
CA GLY B 74 -0.10 7.40 11.40
C GLY B 74 -0.07 8.57 12.37
N MSE B 75 -0.70 9.67 11.98
CA MSE B 75 -0.80 10.85 12.84
C MSE B 75 -1.97 11.65 12.30
O MSE B 75 -2.41 11.39 11.18
CB MSE B 75 0.50 11.69 12.79
CG MSE B 75 0.82 12.27 11.41
SE MSE B 75 2.65 12.94 11.20
CE MSE B 75 3.60 11.31 11.66
N PRO B 76 -2.49 12.62 13.08
CA PRO B 76 -3.49 13.48 12.45
C PRO B 76 -2.91 14.07 11.17
N TYR B 77 -3.72 14.07 10.12
CA TYR B 77 -3.30 14.49 8.79
C TYR B 77 -2.76 15.94 8.78
N GLU B 78 -3.27 16.75 9.71
CA GLU B 78 -2.81 18.12 9.93
C GLU B 78 -1.36 18.13 10.41
N GLU B 79 -1.03 17.36 11.45
CA GLU B 79 0.35 17.20 11.89
C GLU B 79 1.27 16.73 10.78
N TRP B 80 0.74 15.94 9.83
CA TRP B 80 1.55 15.44 8.71
C TRP B 80 1.78 16.46 7.60
N ARG B 81 0.71 17.11 7.15
CA ARG B 81 0.82 18.00 6.01
C ARG B 81 1.42 19.35 6.37
N THR B 82 1.44 19.69 7.66
CA THR B 82 2.17 20.90 8.11
C THR B 82 3.68 20.56 8.24
N GLN B 83 3.97 19.29 8.50
CA GLN B 83 5.32 18.73 8.34
C GLN B 83 5.64 18.47 6.85
N ASN B 84 4.95 19.25 6.00
CA ASN B 84 5.17 19.33 4.55
C ASN B 84 6.65 19.44 4.17
N GLY B 86 7.17 21.85 2.73
CA GLY B 86 8.17 22.89 3.06
C GLY B 86 9.60 22.39 3.17
N GLU B 87 9.80 21.08 3.00
CA GLU B 87 11.09 20.43 3.25
C GLU B 87 11.82 19.96 1.97
N ALA B 88 13.14 20.15 1.92
CA ALA B 88 13.95 19.76 0.75
C ALA B 88 13.75 18.31 0.27
N SER B 89 13.84 18.07 -1.03
CA SER B 89 13.68 16.67 -1.52
C SER B 89 14.92 15.84 -1.13
N PRO B 90 14.86 14.51 -1.20
CA PRO B 90 16.02 13.66 -0.99
C PRO B 90 17.21 13.99 -1.87
N GLU B 91 16.97 14.33 -3.14
CA GLU B 91 18.06 14.72 -4.03
C GLU B 91 18.66 16.09 -3.72
N GLN B 92 17.83 17.02 -3.25
N GLN B 92 17.82 16.99 -3.22
CA GLN B 92 18.38 18.31 -2.79
CA GLN B 92 18.31 18.30 -2.77
C GLN B 92 19.10 18.15 -1.44
C GLN B 92 19.09 18.14 -1.47
N LYS B 93 18.62 17.32 -0.51
CA LYS B 93 19.43 17.09 0.72
C LYS B 93 20.85 16.56 0.34
N ALA B 94 20.85 15.48 -0.44
CA ALA B 94 22.08 14.92 -0.98
C ALA B 94 22.94 15.87 -1.69
N ALA B 95 22.36 16.80 -2.44
CA ALA B 95 23.24 17.74 -3.16
C ALA B 95 23.86 18.85 -2.35
N PHE B 96 23.09 19.39 -1.40
CA PHE B 96 23.48 20.70 -0.84
C PHE B 96 23.63 20.67 0.66
N GLU B 97 23.17 19.62 1.28
CA GLU B 97 23.15 19.53 2.74
C GLU B 97 24.13 18.48 3.27
N ARG B 98 25.38 18.50 2.86
CA ARG B 98 26.23 17.42 3.34
C ARG B 98 27.72 17.70 3.48
N ASN B 99 28.43 17.88 2.37
CA ASN B 99 29.86 18.20 2.46
C ASN B 99 30.05 19.57 3.10
MG MG C . 9.92 -2.07 -6.96
MG MG D . -5.71 9.78 -4.43
#